data_8Y9V
#
_entry.id   8Y9V
#
_cell.length_a   59.753
_cell.length_b   59.753
_cell.length_c   213.594
_cell.angle_alpha   90.00
_cell.angle_beta   90.00
_cell.angle_gamma   90.00
#
_symmetry.space_group_name_H-M   'P 43 21 2'
#
loop_
_entity.id
_entity.type
_entity.pdbx_description
1 polymer 'Serine protease subunit NS2B'
2 polymer 'Serine protease NS3'
3 polymer 'Serine protease NS3'
4 polymer DAR-LYS-ORN-ARG
5 water water
#
loop_
_entity_poly.entity_id
_entity_poly.type
_entity_poly.pdbx_seq_one_letter_code
_entity_poly.pdbx_strand_id
1 'polypeptide(L)' MTGKSVDMYIERAGDITWEKDAEVTGNSPRLDVALDESGDFSLVEEDGPPMRE A,C
2 'polypeptide(L)'
;TTDGVYRVMTRRLLGSTQVGVGVMQEGVFHTMWHVTKGAALRSGEGRLDPYWGDVKQDLVSYCGPWKLDAAWDGLSEVQL
LAVPPGERAKNIQTLPGIFKTKDGDIGAVALDYPAGTSGSPILDKSGRVIGLYGNGVVIKNGSYVSAITQGKR
;
B
3 'polypeptide(L)'
;VKKGETTDGVYRVMTRRLLGSTQVGVGVMQEGVFHTMWHVTKGAALRSGEGRLDPYWGDVKQDLVSYCGPWKLDAAWDGL
SEVQLLAVPPGERAKNIQTLPGIFKTKDGDIGAVALDYPAGTSGSPILDKSGRVIGLYGNGVVIKNGSYVSAITQGKREE
E
;
D
4 'polypeptide(L)' (DAR)K(ORN)R E
#
# COMPACT_ATOMS: atom_id res chain seq x y z
N ASP A 7 -5.69 -11.37 -16.12
CA ASP A 7 -6.06 -11.11 -17.50
C ASP A 7 -5.54 -9.74 -17.95
N MET A 8 -4.75 -9.10 -17.09
CA MET A 8 -4.23 -7.76 -17.34
C MET A 8 -2.78 -7.82 -17.80
N TYR A 9 -2.45 -7.10 -18.86
CA TYR A 9 -1.12 -7.11 -19.40
C TYR A 9 -0.74 -5.72 -19.88
N ILE A 10 0.56 -5.50 -20.05
CA ILE A 10 1.03 -4.16 -20.42
C ILE A 10 1.76 -4.24 -21.74
N GLU A 11 1.75 -3.11 -22.46
CA GLU A 11 2.35 -2.95 -23.78
C GLU A 11 3.05 -1.61 -23.87
N ARG A 12 4.30 -1.63 -24.32
CA ARG A 12 5.09 -0.41 -24.35
C ARG A 12 4.48 0.57 -25.36
N ALA A 13 4.36 1.83 -24.96
CA ALA A 13 3.77 2.86 -25.79
C ALA A 13 4.71 4.00 -26.14
N GLY A 14 5.84 4.15 -25.48
CA GLY A 14 6.77 5.20 -25.87
C GLY A 14 7.79 5.50 -24.81
N ASP A 15 8.73 6.39 -25.17
CA ASP A 15 9.72 6.92 -24.24
C ASP A 15 9.08 8.01 -23.39
N ILE A 16 9.68 8.26 -22.23
CA ILE A 16 9.22 9.32 -21.35
C ILE A 16 10.12 10.50 -21.70
N THR A 17 9.63 11.34 -22.62
CA THR A 17 10.41 12.43 -23.16
C THR A 17 9.54 13.68 -23.29
N TRP A 18 10.11 14.82 -22.97
CA TRP A 18 9.55 16.11 -23.39
C TRP A 18 9.67 16.24 -24.90
N GLU A 19 8.62 16.76 -25.54
CA GLU A 19 8.62 17.02 -26.97
C GLU A 19 8.67 18.52 -27.19
N LYS A 20 9.75 18.98 -27.80
CA LYS A 20 9.89 20.39 -28.13
C LYS A 20 8.78 20.81 -29.06
N ASP A 21 8.13 21.93 -28.73
CA ASP A 21 7.02 22.46 -29.53
C ASP A 21 5.92 21.41 -29.67
N ALA A 22 5.24 21.18 -28.55
CA ALA A 22 4.07 20.31 -28.51
C ALA A 22 2.80 21.15 -28.58
N GLU A 23 1.68 20.45 -28.76
CA GLU A 23 0.35 21.06 -28.69
C GLU A 23 0.12 21.61 -27.28
N VAL A 24 -0.39 22.84 -27.22
CA VAL A 24 -0.56 23.56 -25.95
C VAL A 24 -2.04 23.91 -25.78
N THR A 25 -2.63 23.44 -24.69
CA THR A 25 -4.05 23.65 -24.44
C THR A 25 -4.34 23.53 -22.94
N GLY A 26 -5.56 23.91 -22.56
CA GLY A 26 -6.00 23.73 -21.18
C GLY A 26 -5.92 24.97 -20.32
N ASN A 27 -6.88 25.11 -19.40
CA ASN A 27 -6.90 26.21 -18.45
C ASN A 27 -6.02 25.87 -17.27
N SER A 28 -5.90 26.80 -16.33
CA SER A 28 -5.16 26.56 -15.09
C SER A 28 -5.98 27.02 -13.91
N PRO A 29 -7.07 26.32 -13.59
CA PRO A 29 -7.96 26.79 -12.53
C PRO A 29 -7.34 26.59 -11.15
N ARG A 30 -7.68 27.50 -10.23
CA ARG A 30 -7.31 27.34 -8.83
C ARG A 30 -8.57 26.97 -8.06
N LEU A 31 -8.54 25.81 -7.41
CA LEU A 31 -9.72 25.22 -6.79
C LEU A 31 -9.42 24.78 -5.37
N ASP A 32 -10.36 25.05 -4.46
CA ASP A 32 -10.31 24.50 -3.11
C ASP A 32 -10.92 23.09 -3.13
N VAL A 33 -10.17 22.10 -2.64
CA VAL A 33 -10.64 20.72 -2.66
C VAL A 33 -10.32 20.02 -1.35
N ALA A 34 -11.12 19.00 -1.05
CA ALA A 34 -10.91 18.05 0.03
C ALA A 34 -10.65 16.67 -0.55
N LEU A 35 -9.78 15.91 0.09
CA LEU A 35 -9.46 14.55 -0.32
C LEU A 35 -9.88 13.60 0.81
N ASP A 36 -10.79 12.70 0.51
CA ASP A 36 -11.27 11.81 1.54
C ASP A 36 -10.47 10.51 1.53
N GLU A 37 -10.79 9.66 2.50
CA GLU A 37 -10.13 8.39 2.68
C GLU A 37 -10.19 7.49 1.45
N SER A 38 -11.24 7.61 0.65
CA SER A 38 -11.32 6.78 -0.54
C SER A 38 -10.54 7.36 -1.72
N GLY A 39 -9.70 8.36 -1.51
CA GLY A 39 -8.99 8.98 -2.60
C GLY A 39 -9.86 9.81 -3.54
N ASP A 40 -11.00 10.27 -3.05
CA ASP A 40 -11.94 11.06 -3.84
C ASP A 40 -11.75 12.53 -3.50
N PHE A 41 -11.39 13.31 -4.51
CA PHE A 41 -11.37 14.76 -4.43
C PHE A 41 -12.79 15.31 -4.56
N SER A 42 -13.10 16.32 -3.77
CA SER A 42 -14.36 17.03 -3.89
C SER A 42 -14.12 18.53 -3.68
N LEU A 43 -14.86 19.36 -4.41
CA LEU A 43 -14.78 20.81 -4.23
C LEU A 43 -15.27 21.20 -2.85
N VAL A 44 -14.66 22.26 -2.28
CA VAL A 44 -15.16 22.89 -1.08
C VAL A 44 -15.20 24.39 -1.32
N GLU A 45 -16.03 25.07 -0.54
CA GLU A 45 -16.24 26.50 -0.65
C GLU A 45 -15.72 27.25 0.58
N THR B 1 10.35 -4.90 -18.67
CA THR B 1 11.46 -4.32 -17.91
C THR B 1 11.92 -2.91 -18.35
N THR B 2 11.99 -2.64 -19.66
CA THR B 2 12.61 -1.40 -20.16
C THR B 2 11.79 -0.15 -19.79
N ASP B 3 12.51 0.92 -19.45
CA ASP B 3 11.89 2.20 -19.10
C ASP B 3 10.93 2.64 -20.20
N GLY B 4 9.83 3.25 -19.81
CA GLY B 4 8.95 3.84 -20.81
C GLY B 4 7.54 3.99 -20.27
N VAL B 5 6.66 4.48 -21.13
CA VAL B 5 5.24 4.56 -20.81
C VAL B 5 4.53 3.40 -21.47
N TYR B 6 3.56 2.80 -20.75
CA TYR B 6 2.96 1.54 -21.17
C TYR B 6 1.43 1.63 -21.14
N ARG B 7 0.78 0.95 -22.07
CA ARG B 7 -0.66 0.73 -21.95
C ARG B 7 -0.92 -0.43 -20.99
N VAL B 8 -2.01 -0.32 -20.25
CA VAL B 8 -2.47 -1.36 -19.35
C VAL B 8 -3.75 -1.91 -19.97
N MET B 9 -3.69 -3.13 -20.47
CA MET B 9 -4.80 -3.76 -21.17
C MET B 9 -5.38 -4.91 -20.36
N THR B 10 -6.64 -5.21 -20.65
CA THR B 10 -7.31 -6.33 -20.05
C THR B 10 -7.99 -7.17 -21.11
N ARG B 11 -8.02 -8.48 -20.85
CA ARG B 11 -8.70 -9.45 -21.69
C ARG B 11 -9.89 -10.06 -20.93
N LEU B 14 -14.19 -11.66 -24.13
CA LEU B 14 -13.49 -11.48 -25.40
C LEU B 14 -13.13 -10.03 -25.70
N GLY B 15 -12.18 -9.85 -26.63
CA GLY B 15 -11.72 -8.54 -27.02
C GLY B 15 -10.79 -7.95 -25.97
N SER B 16 -9.87 -7.08 -26.38
CA SER B 16 -8.90 -6.48 -25.48
C SER B 16 -9.20 -5.00 -25.34
N THR B 17 -9.23 -4.52 -24.11
CA THR B 17 -9.57 -3.14 -23.81
C THR B 17 -8.41 -2.48 -23.06
N GLN B 18 -8.20 -1.20 -23.30
CA GLN B 18 -7.19 -0.46 -22.54
C GLN B 18 -7.88 0.17 -21.33
N VAL B 19 -7.44 -0.23 -20.13
CA VAL B 19 -8.02 0.30 -18.90
C VAL B 19 -7.18 1.39 -18.28
N GLY B 20 -5.94 1.57 -18.71
CA GLY B 20 -5.07 2.53 -18.07
C GLY B 20 -3.73 2.62 -18.76
N VAL B 21 -2.83 3.31 -18.07
CA VAL B 21 -1.48 3.61 -18.55
C VAL B 21 -0.60 3.59 -17.32
N GLY B 22 0.69 3.26 -17.49
CA GLY B 22 1.63 3.37 -16.40
C GLY B 22 3.04 3.66 -16.87
N VAL B 23 3.94 3.83 -15.90
CA VAL B 23 5.31 4.26 -16.12
C VAL B 23 6.25 3.20 -15.59
N MET B 24 7.17 2.72 -16.43
CA MET B 24 8.21 1.83 -15.99
C MET B 24 9.47 2.64 -15.77
N GLN B 25 10.06 2.52 -14.58
CA GLN B 25 11.25 3.30 -14.29
C GLN B 25 12.00 2.56 -13.20
N GLU B 26 13.32 2.44 -13.38
CA GLU B 26 14.18 1.73 -12.43
C GLU B 26 13.60 0.36 -12.08
N GLY B 27 13.04 -0.30 -13.10
CA GLY B 27 12.52 -1.64 -12.93
C GLY B 27 11.25 -1.73 -12.13
N VAL B 28 10.56 -0.63 -11.89
CA VAL B 28 9.30 -0.62 -11.15
C VAL B 28 8.22 -0.06 -12.05
N PHE B 29 7.07 -0.73 -12.05
CA PHE B 29 5.93 -0.24 -12.83
C PHE B 29 5.00 0.56 -11.94
N HIS B 30 4.65 1.76 -12.36
CA HIS B 30 3.86 2.71 -11.58
C HIS B 30 2.56 2.99 -12.30
N THR B 31 1.43 2.83 -11.61
CA THR B 31 0.18 3.28 -12.21
C THR B 31 -0.74 3.72 -11.07
N MET B 32 -1.96 4.06 -11.41
CA MET B 32 -2.93 4.41 -10.38
C MET B 32 -3.76 3.22 -9.94
N TRP B 33 -4.04 3.20 -8.62
CA TRP B 33 -4.73 2.06 -7.99
C TRP B 33 -5.99 1.68 -8.77
N HIS B 34 -6.81 2.68 -9.13
CA HIS B 34 -8.11 2.40 -9.72
C HIS B 34 -7.99 1.83 -11.15
N VAL B 35 -6.81 1.89 -11.76
CA VAL B 35 -6.60 1.21 -13.04
C VAL B 35 -6.57 -0.30 -12.84
N THR B 36 -5.74 -0.78 -11.91
CA THR B 36 -5.55 -2.21 -11.76
C THR B 36 -6.25 -2.81 -10.56
N LYS B 37 -6.60 -2.01 -9.56
CA LYS B 37 -7.09 -2.50 -8.27
C LYS B 37 -6.11 -3.51 -7.69
N GLY B 38 -4.84 -3.36 -8.03
CA GLY B 38 -3.79 -4.21 -7.49
C GLY B 38 -3.69 -5.59 -8.09
N ALA B 39 -4.40 -5.87 -9.17
CA ALA B 39 -4.26 -7.17 -9.84
C ALA B 39 -2.85 -7.34 -10.42
N ALA B 40 -2.45 -8.59 -10.62
CA ALA B 40 -1.15 -8.88 -11.20
C ALA B 40 -1.15 -8.54 -12.68
N LEU B 41 0.00 -8.07 -13.17
CA LEU B 41 0.08 -7.69 -14.57
C LEU B 41 0.99 -8.66 -15.29
N ARG B 42 0.64 -9.03 -16.51
CA ARG B 42 1.51 -9.89 -17.29
C ARG B 42 2.34 -9.00 -18.21
N SER B 43 3.63 -9.30 -18.32
CA SER B 43 4.58 -8.51 -19.12
C SER B 43 5.40 -9.52 -19.91
N GLY B 44 4.98 -9.77 -21.14
CA GLY B 44 5.54 -10.88 -21.90
C GLY B 44 5.21 -12.19 -21.19
N GLU B 45 6.24 -13.00 -20.94
CA GLU B 45 6.08 -14.21 -20.14
C GLU B 45 6.17 -13.93 -18.66
N GLY B 46 6.58 -12.72 -18.26
CA GLY B 46 6.79 -12.43 -16.86
C GLY B 46 5.53 -11.98 -16.17
N ARG B 47 5.57 -11.99 -14.85
CA ARG B 47 4.46 -11.54 -14.02
C ARG B 47 4.96 -10.45 -13.11
N LEU B 48 4.31 -9.29 -13.16
CA LEU B 48 4.60 -8.18 -12.26
C LEU B 48 3.61 -8.25 -11.10
N ASP B 49 4.14 -8.28 -9.88
CA ASP B 49 3.31 -8.38 -8.71
C ASP B 49 3.24 -7.04 -7.98
N PRO B 50 2.10 -6.71 -7.39
CA PRO B 50 1.99 -5.41 -6.71
C PRO B 50 2.91 -5.43 -5.51
N TYR B 51 3.51 -4.29 -5.21
CA TYR B 51 4.51 -4.21 -4.16
C TYR B 51 4.14 -3.20 -3.10
N TRP B 52 3.59 -2.06 -3.51
CA TRP B 52 3.11 -1.01 -2.62
C TRP B 52 1.85 -0.42 -3.24
N GLY B 53 0.86 -0.11 -2.41
CA GLY B 53 -0.33 0.55 -2.94
C GLY B 53 -0.99 1.38 -1.86
N ASP B 54 -1.70 2.42 -2.29
CA ASP B 54 -2.40 3.29 -1.36
C ASP B 54 -3.63 3.85 -2.05
N VAL B 55 -4.80 3.47 -1.54
CA VAL B 55 -6.05 3.84 -2.17
C VAL B 55 -6.29 5.34 -2.04
N LYS B 56 -5.89 5.92 -0.91
CA LYS B 56 -6.08 7.36 -0.74
C LYS B 56 -5.26 8.17 -1.73
N GLN B 57 -4.01 7.78 -1.96
CA GLN B 57 -3.25 8.43 -3.03
C GLN B 57 -3.64 7.92 -4.41
N ASP B 58 -4.36 6.80 -4.49
CA ASP B 58 -4.74 6.19 -5.76
C ASP B 58 -3.53 5.82 -6.61
N LEU B 59 -2.53 5.19 -5.99
CA LEU B 59 -1.28 4.83 -6.64
C LEU B 59 -0.90 3.39 -6.32
N VAL B 60 -0.17 2.76 -7.22
CA VAL B 60 0.34 1.41 -6.99
C VAL B 60 1.63 1.25 -7.76
N SER B 61 2.59 0.53 -7.18
CA SER B 61 3.85 0.20 -7.80
C SER B 61 4.00 -1.32 -7.85
N TYR B 62 4.66 -1.82 -8.89
CA TYR B 62 4.87 -3.24 -9.11
C TYR B 62 6.36 -3.52 -9.18
N CYS B 63 6.74 -4.62 -8.53
CA CYS B 63 8.09 -5.17 -8.46
C CYS B 63 9.03 -4.36 -7.58
N GLY B 64 8.57 -3.31 -6.93
CA GLY B 64 9.43 -2.56 -6.04
C GLY B 64 8.72 -1.32 -5.53
N PRO B 65 9.42 -0.54 -4.71
CA PRO B 65 8.82 0.67 -4.15
C PRO B 65 8.68 1.75 -5.19
N TRP B 66 7.71 2.62 -4.96
CA TRP B 66 7.52 3.80 -5.79
C TRP B 66 8.83 4.55 -6.00
N LYS B 67 9.13 4.87 -7.26
CA LYS B 67 10.40 5.49 -7.63
C LYS B 67 10.31 6.95 -8.06
N LEU B 68 9.15 7.43 -8.50
CA LEU B 68 9.08 8.76 -9.08
C LEU B 68 9.00 9.80 -7.97
N ASP B 69 9.88 10.80 -8.01
CA ASP B 69 9.94 11.79 -6.92
C ASP B 69 9.94 13.23 -7.37
N ALA B 70 10.01 13.51 -8.68
CA ALA B 70 10.00 14.88 -9.15
C ALA B 70 8.64 15.52 -8.90
N ALA B 71 8.64 16.85 -8.81
CA ALA B 71 7.45 17.61 -8.45
C ALA B 71 7.36 18.88 -9.28
N TRP B 72 6.13 19.34 -9.48
CA TRP B 72 5.89 20.58 -10.21
C TRP B 72 6.50 21.76 -9.46
N ASP B 73 7.17 22.64 -10.21
CA ASP B 73 7.80 23.79 -9.58
C ASP B 73 6.83 24.92 -9.26
N GLY B 74 5.55 24.78 -9.63
CA GLY B 74 4.55 25.79 -9.35
C GLY B 74 4.49 26.95 -10.33
N LEU B 75 5.41 27.00 -11.32
CA LEU B 75 5.56 28.11 -12.25
C LEU B 75 5.49 27.69 -13.72
N SER B 76 6.07 26.55 -14.06
CA SER B 76 6.40 26.23 -15.44
C SER B 76 5.31 25.40 -16.07
N GLU B 77 5.23 25.46 -17.40
CA GLU B 77 4.35 24.54 -18.10
C GLU B 77 4.87 23.11 -17.96
N VAL B 78 3.95 22.15 -18.08
CA VAL B 78 4.27 20.74 -18.00
C VAL B 78 3.69 20.09 -19.25
N GLN B 79 3.97 18.79 -19.41
CA GLN B 79 3.44 18.05 -20.53
C GLN B 79 2.82 16.77 -20.01
N LEU B 80 1.56 16.56 -20.32
CA LEU B 80 0.90 15.30 -20.12
C LEU B 80 1.30 14.39 -21.28
N LEU B 81 1.93 13.27 -20.97
CA LEU B 81 2.29 12.31 -22.02
C LEU B 81 1.10 11.35 -22.12
N ALA B 82 0.09 11.79 -22.87
CA ALA B 82 -1.17 11.05 -22.93
C ALA B 82 -1.00 9.82 -23.81
N VAL B 83 -1.52 8.68 -23.34
CA VAL B 83 -1.58 7.48 -24.18
C VAL B 83 -3.03 7.02 -24.28
N PRO B 84 -3.83 7.67 -25.13
CA PRO B 84 -5.23 7.27 -25.26
C PRO B 84 -5.37 5.94 -25.95
N PRO B 85 -6.40 5.16 -25.62
CA PRO B 85 -6.63 3.90 -26.35
C PRO B 85 -6.70 4.16 -27.85
N GLY B 86 -6.08 3.26 -28.60
CA GLY B 86 -6.09 3.30 -30.05
C GLY B 86 -5.29 4.43 -30.67
N GLU B 87 -4.61 5.25 -29.87
CA GLU B 87 -3.85 6.41 -30.32
C GLU B 87 -2.40 6.27 -29.86
N ARG B 88 -1.47 6.76 -30.68
CA ARG B 88 -0.09 6.73 -30.26
C ARG B 88 0.13 7.79 -29.19
N ALA B 89 1.13 7.55 -28.33
CA ALA B 89 1.46 8.50 -27.28
C ALA B 89 1.64 9.90 -27.86
N LYS B 90 1.15 10.90 -27.16
CA LYS B 90 1.25 12.28 -27.64
C LYS B 90 1.43 13.21 -26.45
N ASN B 91 2.22 14.26 -26.62
CA ASN B 91 2.51 15.18 -25.53
C ASN B 91 1.58 16.38 -25.63
N ILE B 92 0.92 16.72 -24.52
CA ILE B 92 0.05 17.88 -24.44
C ILE B 92 0.66 18.81 -23.42
N GLN B 93 1.03 20.01 -23.86
CA GLN B 93 1.62 20.98 -22.98
C GLN B 93 0.52 21.84 -22.36
N THR B 94 0.70 22.18 -21.09
CA THR B 94 -0.27 22.98 -20.37
C THR B 94 0.39 23.63 -19.18
N LEU B 95 -0.24 24.67 -18.65
CA LEU B 95 0.18 25.23 -17.38
C LEU B 95 -0.78 24.74 -16.31
N PRO B 96 -0.30 24.05 -15.27
CA PRO B 96 -1.23 23.53 -14.27
C PRO B 96 -1.92 24.64 -13.48
N GLY B 97 -3.19 24.41 -13.17
CA GLY B 97 -3.82 25.06 -12.05
C GLY B 97 -3.43 24.38 -10.74
N ILE B 98 -4.21 24.65 -9.69
CA ILE B 98 -3.81 24.31 -8.33
C ILE B 98 -5.02 23.76 -7.56
N PHE B 99 -4.91 22.54 -7.03
CA PHE B 99 -5.80 22.08 -5.96
C PHE B 99 -5.26 22.59 -4.64
N LYS B 100 -6.01 23.46 -3.98
CA LYS B 100 -5.62 23.93 -2.65
C LYS B 100 -6.30 23.07 -1.60
N THR B 101 -5.50 22.38 -0.79
CA THR B 101 -6.02 21.47 0.22
C THR B 101 -5.48 21.88 1.59
N LYS B 102 -6.09 21.33 2.64
CA LYS B 102 -5.62 21.64 4.00
C LYS B 102 -4.19 21.17 4.21
N ASP B 103 -3.75 20.17 3.46
CA ASP B 103 -2.39 19.67 3.52
C ASP B 103 -1.50 20.27 2.43
N GLY B 104 -1.90 21.37 1.81
CA GLY B 104 -1.05 22.08 0.86
C GLY B 104 -1.61 22.08 -0.55
N ASP B 105 -0.82 22.66 -1.46
CA ASP B 105 -1.19 22.82 -2.84
C ASP B 105 -0.66 21.67 -3.68
N ILE B 106 -1.50 21.20 -4.59
CA ILE B 106 -1.18 20.10 -5.49
C ILE B 106 -1.44 20.60 -6.91
N GLY B 107 -0.45 20.46 -7.79
CA GLY B 107 -0.68 20.84 -9.17
C GLY B 107 -1.84 20.07 -9.76
N ALA B 108 -2.50 20.67 -10.75
CA ALA B 108 -3.65 20.02 -11.37
C ALA B 108 -3.72 20.42 -12.83
N VAL B 109 -4.11 19.50 -13.71
CA VAL B 109 -4.16 19.80 -15.13
C VAL B 109 -5.59 19.67 -15.63
N ALA B 110 -6.06 20.72 -16.31
CA ALA B 110 -7.42 20.81 -16.83
C ALA B 110 -7.47 20.23 -18.24
N LEU B 111 -7.21 18.94 -18.32
CA LEU B 111 -7.24 18.20 -19.56
C LEU B 111 -8.15 17.00 -19.37
N ASP B 112 -8.94 16.72 -20.39
CA ASP B 112 -10.03 15.72 -20.37
C ASP B 112 -9.81 14.67 -21.48
N TYR B 113 -9.13 13.59 -21.17
CA TYR B 113 -8.86 12.52 -22.12
C TYR B 113 -9.63 11.26 -21.73
N PRO B 114 -9.81 10.31 -22.65
CA PRO B 114 -10.63 9.11 -22.35
C PRO B 114 -10.13 8.40 -21.09
N ALA B 115 -11.05 7.65 -20.45
CA ALA B 115 -10.71 7.09 -19.13
C ALA B 115 -9.57 6.07 -19.20
N GLY B 116 -9.37 5.42 -20.35
CA GLY B 116 -8.26 4.51 -20.48
C GLY B 116 -6.92 5.18 -20.50
N THR B 117 -6.88 6.51 -20.38
CA THR B 117 -5.64 7.28 -20.29
C THR B 117 -5.17 7.52 -18.87
N SER B 118 -5.99 7.17 -17.86
CA SER B 118 -5.58 7.24 -16.46
C SER B 118 -4.27 6.51 -16.22
N GLY B 119 -3.38 7.16 -15.47
CA GLY B 119 -2.04 6.67 -15.25
C GLY B 119 -1.00 7.25 -16.19
N SER B 120 -1.42 8.07 -17.15
CA SER B 120 -0.46 8.70 -18.06
C SER B 120 0.44 9.68 -17.30
N PRO B 121 1.74 9.69 -17.59
CA PRO B 121 2.67 10.52 -16.81
C PRO B 121 2.60 11.98 -17.24
N ILE B 122 2.73 12.85 -16.25
CA ILE B 122 2.86 14.29 -16.45
C ILE B 122 4.34 14.61 -16.25
N LEU B 123 4.93 15.38 -17.17
CA LEU B 123 6.37 15.61 -17.19
C LEU B 123 6.74 17.08 -16.98
N ASP B 124 7.90 17.30 -16.35
CA ASP B 124 8.51 18.62 -16.34
C ASP B 124 9.47 18.77 -17.52
N LYS B 125 10.09 19.95 -17.63
CA LYS B 125 10.85 20.25 -18.84
C LYS B 125 12.09 19.37 -19.01
N SER B 126 12.61 18.81 -17.93
CA SER B 126 13.70 17.85 -18.02
C SER B 126 13.22 16.44 -18.38
N GLY B 127 11.93 16.24 -18.54
CA GLY B 127 11.42 14.92 -18.87
C GLY B 127 11.18 14.04 -17.68
N ARG B 128 11.28 14.57 -16.47
CA ARG B 128 11.07 13.80 -15.24
C ARG B 128 9.58 13.73 -14.94
N VAL B 129 9.12 12.55 -14.52
CA VAL B 129 7.69 12.36 -14.25
C VAL B 129 7.37 13.05 -12.92
N ILE B 130 6.53 14.08 -12.97
CA ILE B 130 6.14 14.78 -11.74
C ILE B 130 4.83 14.25 -11.15
N GLY B 131 4.15 13.33 -11.82
CA GLY B 131 2.91 12.80 -11.29
C GLY B 131 2.17 12.03 -12.36
N LEU B 132 1.09 11.37 -11.93
CA LEU B 132 0.25 10.60 -12.84
C LEU B 132 -1.12 11.26 -12.99
N TYR B 133 -1.70 11.08 -14.18
CA TYR B 133 -2.96 11.71 -14.60
C TYR B 133 -4.14 10.77 -14.33
N GLY B 134 -5.23 11.33 -13.79
CA GLY B 134 -6.48 10.59 -13.81
C GLY B 134 -7.25 10.43 -12.49
N ASN B 135 -6.82 11.12 -11.43
CA ASN B 135 -7.65 11.28 -10.24
C ASN B 135 -7.92 12.77 -10.09
N GLY B 136 -9.18 13.16 -10.04
CA GLY B 136 -9.47 14.58 -10.03
C GLY B 136 -10.88 14.91 -9.62
N VAL B 137 -11.33 16.09 -10.08
CA VAL B 137 -12.67 16.63 -9.80
C VAL B 137 -13.26 17.23 -11.06
N VAL B 138 -14.59 17.33 -11.09
CA VAL B 138 -15.34 18.06 -12.12
C VAL B 138 -15.80 19.37 -11.51
N ILE B 139 -15.71 20.46 -12.26
CA ILE B 139 -16.02 21.78 -11.73
C ILE B 139 -17.37 22.31 -12.19
N LYS B 140 -17.74 22.11 -13.46
CA LYS B 140 -19.09 22.44 -13.90
C LYS B 140 -19.36 21.97 -15.33
N ASN B 141 -20.13 20.88 -15.46
CA ASN B 141 -20.51 20.22 -16.72
C ASN B 141 -19.37 19.45 -17.37
N GLY B 142 -18.81 18.48 -16.66
CA GLY B 142 -17.81 17.60 -17.26
C GLY B 142 -16.46 18.24 -17.52
N SER B 143 -16.25 19.49 -17.12
CA SER B 143 -14.92 20.07 -17.13
C SER B 143 -14.05 19.36 -16.09
N TYR B 144 -13.45 18.25 -16.47
CA TYR B 144 -12.61 17.46 -15.58
C TYR B 144 -11.25 18.12 -15.39
N VAL B 145 -10.75 18.10 -14.17
CA VAL B 145 -9.42 18.58 -13.83
C VAL B 145 -8.76 17.50 -12.99
N SER B 146 -7.59 17.07 -13.42
CA SER B 146 -6.88 15.96 -12.80
C SER B 146 -5.81 16.50 -11.89
N ALA B 147 -5.72 15.92 -10.69
CA ALA B 147 -4.56 16.21 -9.86
C ALA B 147 -3.31 15.71 -10.58
N ILE B 148 -2.17 16.36 -10.32
CA ILE B 148 -0.88 15.78 -10.67
C ILE B 148 -0.50 14.91 -9.47
N THR B 149 -0.86 13.63 -9.52
CA THR B 149 -0.70 12.74 -8.38
C THR B 149 0.69 12.13 -8.38
N GLN B 150 1.47 12.43 -7.35
CA GLN B 150 2.82 11.90 -7.16
C GLN B 150 2.92 11.20 -5.81
N GLY B 151 3.73 10.14 -5.74
CA GLY B 151 3.93 9.39 -4.51
C GLY B 151 5.21 9.81 -3.78
N LYS B 152 5.63 8.96 -2.84
CA LYS B 152 6.82 9.21 -2.03
C LYS B 152 7.84 8.09 -2.26
N ARG B 153 9.10 8.48 -2.49
CA ARG B 153 10.13 7.53 -2.89
C ARG B 153 10.82 6.83 -1.71
N ASP C 7 -9.23 -17.31 -2.62
CA ASP C 7 -10.35 -16.63 -1.95
C ASP C 7 -10.42 -17.05 -0.46
N MET C 8 -10.36 -16.05 0.43
CA MET C 8 -10.28 -16.28 1.87
C MET C 8 -11.40 -15.52 2.59
N TYR C 9 -11.51 -15.77 3.89
CA TYR C 9 -12.52 -15.15 4.73
C TYR C 9 -11.99 -15.04 6.13
N ILE C 10 -12.64 -14.21 6.95
CA ILE C 10 -12.17 -13.98 8.31
C ILE C 10 -13.25 -14.42 9.30
N GLU C 11 -12.79 -14.91 10.44
CA GLU C 11 -13.65 -15.47 11.48
C GLU C 11 -13.14 -14.96 12.82
N ARG C 12 -14.06 -14.43 13.63
CA ARG C 12 -13.65 -13.77 14.86
C ARG C 12 -12.91 -14.76 15.76
N ALA C 13 -11.89 -14.28 16.47
CA ALA C 13 -11.12 -15.12 17.39
C ALA C 13 -11.03 -14.60 18.81
N GLY C 14 -11.41 -13.36 19.08
CA GLY C 14 -11.40 -12.87 20.44
C GLY C 14 -11.29 -11.37 20.50
N ASP C 15 -11.43 -10.84 21.71
CA ASP C 15 -11.13 -9.44 21.99
C ASP C 15 -9.62 -9.26 22.08
N ILE C 16 -9.16 -8.03 21.96
CA ILE C 16 -7.74 -7.72 22.11
C ILE C 16 -7.55 -7.13 23.50
N THR C 17 -6.90 -7.88 24.39
CA THR C 17 -6.85 -7.51 25.80
C THR C 17 -5.57 -8.06 26.44
N TRP C 18 -4.95 -7.23 27.28
CA TRP C 18 -3.85 -7.69 28.12
C TRP C 18 -4.37 -8.62 29.21
N GLU C 19 -3.72 -9.77 29.38
CA GLU C 19 -4.21 -10.75 30.35
C GLU C 19 -3.28 -10.69 31.57
N LYS C 20 -3.84 -10.24 32.70
CA LYS C 20 -3.08 -10.21 33.94
C LYS C 20 -2.65 -11.62 34.32
N ASP C 21 -1.44 -11.75 34.84
CA ASP C 21 -0.87 -13.04 35.22
C ASP C 21 -0.91 -14.02 34.04
N ALA C 22 -0.52 -13.52 32.88
CA ALA C 22 -0.23 -14.41 31.76
C ALA C 22 1.06 -15.16 32.02
N GLU C 23 1.26 -16.24 31.28
CA GLU C 23 2.52 -16.96 31.38
C GLU C 23 3.63 -16.20 30.65
N VAL C 24 4.79 -16.08 31.30
CA VAL C 24 5.96 -15.42 30.73
C VAL C 24 6.92 -16.49 30.23
N THR C 25 7.46 -16.29 29.04
CA THR C 25 8.43 -17.25 28.48
C THR C 25 9.15 -16.56 27.33
N GLY C 26 10.17 -17.25 26.80
CA GLY C 26 10.96 -16.73 25.70
C GLY C 26 12.10 -15.88 26.19
N ASN C 27 13.22 -15.85 25.45
CA ASN C 27 14.32 -14.99 25.83
C ASN C 27 14.24 -13.69 25.01
N SER C 28 15.29 -12.87 25.11
CA SER C 28 15.33 -11.54 24.50
C SER C 28 16.60 -11.41 23.67
N PRO C 29 16.65 -12.08 22.53
CA PRO C 29 17.90 -12.12 21.77
C PRO C 29 18.16 -10.80 21.07
N ARG C 30 19.45 -10.51 20.89
CA ARG C 30 19.91 -9.37 20.12
C ARG C 30 20.57 -9.95 18.87
N LEU C 31 19.91 -9.79 17.72
CA LEU C 31 20.30 -10.47 16.50
C LEU C 31 20.53 -9.45 15.39
N ASP C 32 21.68 -9.53 14.72
CA ASP C 32 21.93 -8.75 13.52
C ASP C 32 21.25 -9.42 12.33
N VAL C 33 20.33 -8.70 11.69
CA VAL C 33 19.54 -9.24 10.59
C VAL C 33 19.55 -8.25 9.42
N ALA C 34 19.16 -8.77 8.26
CA ALA C 34 19.00 -7.99 7.03
C ALA C 34 17.59 -8.21 6.51
N LEU C 35 16.90 -7.11 6.21
CA LEU C 35 15.62 -7.12 5.53
C LEU C 35 15.87 -6.94 4.04
N ASP C 36 15.49 -7.91 3.23
CA ASP C 36 15.65 -7.68 1.80
C ASP C 36 14.39 -7.07 1.21
N GLU C 37 14.47 -6.72 -0.08
CA GLU C 37 13.39 -5.97 -0.73
C GLU C 37 12.09 -6.77 -0.78
N SER C 38 12.18 -8.10 -0.81
CA SER C 38 11.02 -8.98 -0.76
C SER C 38 10.36 -9.03 0.63
N GLY C 39 10.90 -8.34 1.62
CA GLY C 39 10.31 -8.36 2.94
C GLY C 39 10.72 -9.53 3.81
N ASP C 40 11.79 -10.22 3.47
CA ASP C 40 12.27 -11.36 4.25
C ASP C 40 13.47 -10.93 5.08
N PHE C 41 13.48 -11.33 6.35
CA PHE C 41 14.64 -11.18 7.22
C PHE C 41 15.56 -12.37 7.07
N SER C 42 16.86 -12.12 7.19
CA SER C 42 17.86 -13.18 7.26
C SER C 42 18.90 -12.78 8.30
N LEU C 43 19.61 -13.77 8.84
CA LEU C 43 20.68 -13.47 9.77
C LEU C 43 21.93 -13.11 8.99
N VAL C 44 22.63 -12.07 9.44
CA VAL C 44 23.81 -11.59 8.74
C VAL C 44 24.95 -12.61 8.82
N VAL D 1 -24.72 -3.03 15.39
CA VAL D 1 -25.82 -2.74 14.48
C VAL D 1 -26.53 -1.45 14.94
N LYS D 2 -25.99 -0.79 15.99
CA LYS D 2 -26.19 0.65 16.10
C LYS D 2 -25.20 1.37 15.19
N LYS D 3 -25.53 2.60 14.81
CA LYS D 3 -24.67 3.33 13.89
C LYS D 3 -23.31 3.59 14.51
N GLY D 4 -22.26 3.08 13.84
CA GLY D 4 -20.89 3.21 14.30
C GLY D 4 -20.31 2.01 15.01
N GLU D 5 -21.09 0.93 15.19
CA GLU D 5 -20.72 -0.22 16.02
C GLU D 5 -19.94 -1.25 15.18
N THR D 6 -18.64 -0.99 15.02
CA THR D 6 -17.74 -1.88 14.27
C THR D 6 -16.90 -2.67 15.27
N THR D 7 -17.16 -3.98 15.37
CA THR D 7 -16.55 -4.78 16.44
C THR D 7 -15.06 -4.97 16.19
N ASP D 8 -14.25 -4.38 17.08
CA ASP D 8 -12.83 -4.65 17.09
C ASP D 8 -12.57 -6.08 17.49
N GLY D 9 -11.30 -6.47 17.39
CA GLY D 9 -10.94 -7.79 17.82
C GLY D 9 -9.90 -8.43 16.93
N VAL D 10 -9.51 -9.64 17.30
CA VAL D 10 -8.59 -10.45 16.52
C VAL D 10 -9.40 -11.46 15.75
N TYR D 11 -8.96 -11.75 14.52
CA TYR D 11 -9.69 -12.57 13.57
C TYR D 11 -8.75 -13.59 12.95
N ARG D 12 -9.28 -14.80 12.72
CA ARG D 12 -8.59 -15.80 11.93
C ARG D 12 -8.83 -15.55 10.44
N VAL D 13 -7.78 -15.68 9.64
CA VAL D 13 -7.87 -15.63 8.17
C VAL D 13 -7.86 -17.06 7.65
N MET D 14 -8.97 -17.48 7.05
CA MET D 14 -9.21 -18.87 6.69
C MET D 14 -9.25 -19.00 5.17
N THR D 15 -8.87 -20.17 4.66
CA THR D 15 -8.99 -20.42 3.22
C THR D 15 -10.38 -20.88 2.84
N GLY D 20 -7.60 -25.81 2.21
CA GLY D 20 -8.55 -26.81 2.69
C GLY D 20 -9.23 -26.44 4.01
N SER D 21 -9.81 -25.22 4.01
CA SER D 21 -10.35 -24.58 5.23
C SER D 21 -9.29 -24.49 6.32
N THR D 22 -8.06 -24.20 5.90
CA THR D 22 -6.94 -24.10 6.83
C THR D 22 -6.69 -22.63 7.16
N GLN D 23 -6.26 -22.38 8.39
CA GLN D 23 -5.98 -21.02 8.84
C GLN D 23 -4.62 -20.58 8.28
N VAL D 24 -4.63 -19.58 7.39
CA VAL D 24 -3.37 -19.10 6.83
C VAL D 24 -2.80 -17.92 7.61
N GLY D 25 -3.60 -17.27 8.44
CA GLY D 25 -3.08 -16.17 9.21
C GLY D 25 -4.13 -15.60 10.13
N VAL D 26 -3.82 -14.40 10.60
CA VAL D 26 -4.55 -13.75 11.68
C VAL D 26 -4.54 -12.26 11.39
N GLY D 27 -5.54 -11.54 11.87
CA GLY D 27 -5.52 -10.09 11.70
C GLY D 27 -6.24 -9.37 12.82
N VAL D 28 -6.15 -8.05 12.77
CA VAL D 28 -6.66 -7.16 13.81
C VAL D 28 -7.70 -6.25 13.19
N MET D 29 -8.92 -6.30 13.67
CA MET D 29 -9.94 -5.37 13.25
C MET D 29 -9.97 -4.24 14.27
N GLN D 30 -9.71 -3.03 13.80
CA GLN D 30 -9.70 -1.88 14.71
C GLN D 30 -10.12 -0.65 13.94
N GLU D 31 -11.08 0.10 14.49
CA GLU D 31 -11.55 1.34 13.87
C GLU D 31 -12.01 1.11 12.44
N GLY D 32 -12.69 -0.01 12.22
CA GLY D 32 -13.21 -0.33 10.92
C GLY D 32 -12.22 -0.89 9.92
N VAL D 33 -10.95 -1.05 10.30
CA VAL D 33 -9.92 -1.47 9.35
C VAL D 33 -9.38 -2.83 9.76
N PHE D 34 -9.15 -3.69 8.77
CA PHE D 34 -8.54 -5.00 9.04
C PHE D 34 -7.05 -4.95 8.74
N HIS D 35 -6.23 -5.34 9.70
CA HIS D 35 -4.78 -5.26 9.58
C HIS D 35 -4.23 -6.67 9.60
N THR D 36 -3.41 -7.03 8.61
CA THR D 36 -2.76 -8.33 8.66
C THR D 36 -1.41 -8.20 7.98
N MET D 37 -0.71 -9.32 7.81
CA MET D 37 0.58 -9.30 7.15
C MET D 37 0.41 -9.63 5.68
N TRP D 38 1.22 -8.97 4.84
CA TRP D 38 1.03 -9.12 3.40
C TRP D 38 1.16 -10.59 2.99
N HIS D 39 2.15 -11.29 3.54
CA HIS D 39 2.37 -12.68 3.10
C HIS D 39 1.21 -13.60 3.50
N VAL D 40 0.30 -13.17 4.37
CA VAL D 40 -0.85 -14.01 4.70
C VAL D 40 -1.85 -14.02 3.55
N THR D 41 -2.23 -12.84 3.05
CA THR D 41 -3.25 -12.75 2.00
C THR D 41 -2.69 -12.41 0.61
N LYS D 42 -1.48 -11.87 0.53
CA LYS D 42 -0.95 -11.25 -0.69
C LYS D 42 -1.94 -10.25 -1.29
N GLY D 43 -2.65 -9.53 -0.44
CA GLY D 43 -3.55 -8.49 -0.90
C GLY D 43 -4.84 -8.95 -1.53
N ALA D 44 -5.14 -10.23 -1.48
CA ALA D 44 -6.41 -10.74 -2.01
C ALA D 44 -7.59 -10.20 -1.21
N ALA D 45 -8.76 -10.19 -1.85
CA ALA D 45 -9.98 -9.81 -1.15
C ALA D 45 -10.38 -10.85 -0.12
N LEU D 46 -11.07 -10.39 0.90
CA LEU D 46 -11.50 -11.21 2.02
C LEU D 46 -13.02 -11.10 2.16
N ARG D 47 -13.66 -12.22 2.51
CA ARG D 47 -15.08 -12.21 2.76
C ARG D 47 -15.33 -12.17 4.26
N SER D 48 -16.42 -11.55 4.66
CA SER D 48 -16.68 -11.38 6.08
C SER D 48 -18.19 -11.40 6.37
N GLY D 51 -20.33 -9.76 3.32
CA GLY D 51 -19.48 -8.61 3.07
C GLY D 51 -18.12 -8.94 2.49
N ARG D 52 -17.57 -8.02 1.71
CA ARG D 52 -16.23 -8.15 1.15
C ARG D 52 -15.33 -7.04 1.67
N LEU D 53 -14.07 -7.40 1.95
CA LEU D 53 -13.07 -6.47 2.43
C LEU D 53 -12.05 -6.26 1.32
N ASP D 54 -11.80 -5.00 0.98
CA ASP D 54 -10.87 -4.82 -0.12
C ASP D 54 -9.59 -4.18 0.38
N PRO D 55 -8.44 -4.54 -0.19
CA PRO D 55 -7.18 -4.01 0.32
C PRO D 55 -7.17 -2.52 0.06
N TYR D 56 -6.59 -1.77 0.98
CA TYR D 56 -6.54 -0.32 0.86
C TYR D 56 -5.13 0.24 0.93
N TRP D 57 -4.24 -0.41 1.67
CA TRP D 57 -2.84 -0.01 1.69
C TRP D 57 -2.04 -1.29 1.90
N GLY D 58 -0.87 -1.37 1.28
CA GLY D 58 -0.03 -2.53 1.49
C GLY D 58 1.41 -2.20 1.15
N ASP D 59 2.31 -2.98 1.74
CA ASP D 59 3.74 -2.76 1.51
C ASP D 59 4.47 -4.07 1.71
N VAL D 60 4.92 -4.66 0.61
CA VAL D 60 5.60 -5.94 0.63
C VAL D 60 6.81 -5.92 1.56
N LYS D 61 7.59 -4.84 1.54
CA LYS D 61 8.81 -4.87 2.33
C LYS D 61 8.51 -4.78 3.81
N GLN D 62 7.54 -3.96 4.21
CA GLN D 62 7.07 -4.00 5.59
C GLN D 62 6.29 -5.27 5.89
N ASP D 63 5.82 -5.96 4.84
CA ASP D 63 5.00 -7.17 4.97
C ASP D 63 3.69 -6.87 5.69
N LEU D 64 3.06 -5.74 5.37
CA LEU D 64 1.80 -5.36 6.00
C LEU D 64 0.74 -5.02 4.98
N VAL D 65 -0.54 -5.16 5.37
CA VAL D 65 -1.64 -4.75 4.52
C VAL D 65 -2.83 -4.41 5.42
N SER D 66 -3.58 -3.37 5.00
CA SER D 66 -4.80 -2.94 5.64
C SER D 66 -5.95 -3.04 4.64
N TYR D 67 -7.15 -3.34 5.16
CA TYR D 67 -8.35 -3.48 4.35
C TYR D 67 -9.41 -2.53 4.88
N CYS D 68 -10.09 -1.84 3.95
CA CYS D 68 -11.21 -0.92 4.11
C CYS D 68 -10.77 0.44 4.62
N GLY D 69 -9.49 0.68 4.80
CA GLY D 69 -9.05 1.94 5.37
C GLY D 69 -7.56 1.95 5.58
N PRO D 70 -7.03 3.12 5.96
CA PRO D 70 -5.60 3.20 6.23
C PRO D 70 -5.22 2.46 7.50
N TRP D 71 -3.92 2.20 7.61
CA TRP D 71 -3.36 1.55 8.78
C TRP D 71 -3.66 2.35 10.04
N LYS D 72 -4.28 1.72 11.04
CA LYS D 72 -4.71 2.44 12.22
C LYS D 72 -3.81 2.26 13.45
N LEU D 73 -2.92 1.29 13.47
CA LEU D 73 -2.18 0.94 14.68
C LEU D 73 -0.84 1.65 14.68
N ASP D 74 -0.62 2.50 15.68
CA ASP D 74 0.63 3.24 15.73
C ASP D 74 1.31 3.21 17.09
N ALA D 75 0.80 2.45 18.06
CA ALA D 75 1.55 2.27 19.30
C ALA D 75 2.88 1.60 19.00
N ALA D 76 3.90 1.96 19.79
CA ALA D 76 5.23 1.41 19.64
C ALA D 76 5.64 0.72 20.93
N TRP D 77 6.44 -0.35 20.78
CA TRP D 77 7.12 -0.89 21.95
C TRP D 77 7.98 0.22 22.56
N ASP D 78 7.92 0.36 23.88
CA ASP D 78 8.72 1.38 24.53
C ASP D 78 10.19 1.00 24.64
N GLY D 79 10.58 -0.20 24.17
CA GLY D 79 11.94 -0.66 24.28
C GLY D 79 12.34 -1.17 25.64
N LEU D 80 11.43 -1.23 26.58
CA LEU D 80 11.73 -1.47 27.99
C LEU D 80 10.83 -2.51 28.65
N SER D 81 9.54 -2.48 28.37
CA SER D 81 8.56 -3.25 29.13
C SER D 81 8.29 -4.59 28.46
N GLU D 82 7.79 -5.53 29.26
CA GLU D 82 7.25 -6.75 28.70
C GLU D 82 6.01 -6.46 27.87
N VAL D 83 5.81 -7.29 26.86
CA VAL D 83 4.67 -7.19 25.96
C VAL D 83 3.96 -8.54 25.99
N GLN D 84 2.81 -8.60 25.35
CA GLN D 84 2.07 -9.85 25.24
C GLN D 84 1.74 -10.12 23.79
N LEU D 85 2.09 -11.32 23.34
CA LEU D 85 1.61 -11.86 22.08
C LEU D 85 0.23 -12.45 22.30
N LEU D 86 -0.78 -11.90 21.61
CA LEU D 86 -2.08 -12.55 21.59
C LEU D 86 -2.05 -13.58 20.47
N ALA D 87 -1.51 -14.73 20.80
CA ALA D 87 -1.32 -15.79 19.82
C ALA D 87 -2.65 -16.41 19.43
N VAL D 88 -2.91 -16.48 18.12
CA VAL D 88 -4.11 -17.15 17.63
C VAL D 88 -3.69 -18.32 16.76
N PRO D 89 -3.28 -19.45 17.35
CA PRO D 89 -2.77 -20.54 16.55
C PRO D 89 -3.90 -21.29 15.86
N PRO D 90 -3.66 -21.83 14.67
CA PRO D 90 -4.65 -22.68 14.01
C PRO D 90 -5.21 -23.75 14.93
N GLY D 91 -6.54 -23.81 14.99
CA GLY D 91 -7.20 -24.85 15.76
C GLY D 91 -7.04 -24.75 17.25
N GLU D 92 -6.63 -23.60 17.77
CA GLU D 92 -6.49 -23.42 19.21
C GLU D 92 -7.07 -22.09 19.64
N ARG D 93 -7.55 -22.06 20.88
CA ARG D 93 -8.06 -20.85 21.49
C ARG D 93 -6.99 -19.76 21.55
N ALA D 94 -7.38 -18.52 21.23
CA ALA D 94 -6.50 -17.37 21.41
C ALA D 94 -5.93 -17.34 22.82
N LYS D 95 -4.62 -17.10 22.95
CA LYS D 95 -3.95 -17.13 24.24
C LYS D 95 -2.93 -16.00 24.36
N ASN D 96 -2.90 -15.33 25.51
CA ASN D 96 -1.91 -14.28 25.75
C ASN D 96 -0.64 -14.90 26.30
N ILE D 97 0.50 -14.51 25.74
CA ILE D 97 1.81 -14.99 26.16
C ILE D 97 2.71 -13.79 26.41
N GLN D 98 3.21 -13.64 27.63
CA GLN D 98 4.02 -12.49 27.98
C GLN D 98 5.50 -12.78 27.75
N THR D 99 6.23 -11.75 27.36
CA THR D 99 7.64 -11.93 27.03
C THR D 99 8.31 -10.56 27.01
N LEU D 100 9.63 -10.56 27.19
CA LEU D 100 10.40 -9.34 27.02
C LEU D 100 11.09 -9.38 25.67
N PRO D 101 10.76 -8.48 24.75
CA PRO D 101 11.32 -8.58 23.39
C PRO D 101 12.84 -8.44 23.40
N GLY D 102 13.46 -9.16 22.48
CA GLY D 102 14.81 -8.87 22.06
C GLY D 102 14.80 -7.87 20.93
N ILE D 103 15.88 -7.87 20.17
CA ILE D 103 16.11 -6.78 19.23
C ILE D 103 16.72 -7.34 17.94
N PHE D 104 16.07 -7.03 16.81
CA PHE D 104 16.65 -7.14 15.48
C PHE D 104 17.43 -5.85 15.20
N LYS D 105 18.74 -5.96 15.06
CA LYS D 105 19.57 -4.80 14.77
C LYS D 105 19.81 -4.82 13.26
N THR D 106 19.32 -3.80 12.54
CA THR D 106 19.47 -3.68 11.10
C THR D 106 20.29 -2.44 10.76
N LYS D 107 20.68 -2.35 9.48
CA LYS D 107 21.36 -1.16 8.96
C LYS D 107 20.58 0.10 9.25
N ASP D 108 19.25 0.01 9.20
CA ASP D 108 18.37 1.14 9.43
C ASP D 108 17.76 1.14 10.82
N GLY D 109 18.45 0.55 11.80
CA GLY D 109 18.07 0.73 13.18
C GLY D 109 17.52 -0.54 13.79
N ASP D 110 17.04 -0.40 15.02
CA ASP D 110 16.61 -1.54 15.83
C ASP D 110 15.10 -1.68 15.80
N ILE D 111 14.65 -2.92 15.70
CA ILE D 111 13.25 -3.31 15.72
C ILE D 111 13.08 -4.30 16.86
N GLY D 112 12.06 -4.13 17.70
CA GLY D 112 11.75 -5.15 18.69
C GLY D 112 11.46 -6.49 18.02
N ALA D 113 11.75 -7.56 18.74
CA ALA D 113 11.49 -8.92 18.24
C ALA D 113 11.10 -9.83 19.38
N VAL D 114 10.18 -10.76 19.16
CA VAL D 114 9.74 -11.67 20.21
C VAL D 114 10.18 -13.08 19.86
N ALA D 115 10.88 -13.73 20.80
CA ALA D 115 11.35 -15.10 20.66
C ALA D 115 10.26 -16.05 21.17
N LEU D 116 9.21 -16.15 20.37
CA LEU D 116 8.06 -17.01 20.59
C LEU D 116 7.79 -17.75 19.29
N ASP D 117 7.62 -19.07 19.38
CA ASP D 117 7.61 -19.95 18.21
C ASP D 117 6.21 -20.53 18.02
N TYR D 118 5.49 -20.04 17.02
CA TYR D 118 4.15 -20.48 16.68
C TYR D 118 4.05 -20.85 15.21
N PRO D 119 3.13 -21.76 14.87
CA PRO D 119 3.04 -22.23 13.48
C PRO D 119 2.78 -21.09 12.49
N ALA D 120 3.20 -21.34 11.26
CA ALA D 120 2.71 -20.56 10.13
C ALA D 120 1.20 -20.67 10.07
N GLY D 121 0.52 -19.53 10.08
CA GLY D 121 -0.90 -19.48 10.31
C GLY D 121 -1.28 -18.73 11.57
N THR D 122 -0.33 -18.59 12.52
CA THR D 122 -0.44 -17.61 13.59
C THR D 122 -0.04 -16.22 13.13
N SER D 123 0.57 -16.12 11.95
CA SER D 123 1.06 -14.84 11.43
C SER D 123 -0.04 -13.80 11.33
N GLY D 124 0.27 -12.62 11.83
CA GLY D 124 -0.68 -11.56 11.93
C GLY D 124 -1.25 -11.40 13.33
N SER D 125 -0.95 -12.32 14.24
CA SER D 125 -1.40 -12.18 15.62
C SER D 125 -0.82 -10.91 16.27
N PRO D 126 -1.62 -10.16 17.01
CA PRO D 126 -1.15 -8.87 17.54
C PRO D 126 -0.28 -9.02 18.78
N ILE D 127 0.69 -8.13 18.86
CA ILE D 127 1.55 -7.98 20.01
C ILE D 127 1.10 -6.72 20.72
N LEU D 128 0.92 -6.79 22.04
CA LEU D 128 0.27 -5.74 22.82
C LEU D 128 1.20 -5.18 23.89
N ASP D 129 1.02 -3.90 24.19
CA ASP D 129 1.62 -3.31 25.39
C ASP D 129 0.67 -3.40 26.57
N LYS D 130 1.17 -3.03 27.75
CA LYS D 130 0.41 -3.24 28.97
C LYS D 130 -0.89 -2.46 28.95
N SER D 131 -0.99 -1.39 28.16
CA SER D 131 -2.28 -0.71 28.10
C SER D 131 -3.23 -1.38 27.11
N GLY D 132 -2.82 -2.47 26.49
CA GLY D 132 -3.69 -3.16 25.57
C GLY D 132 -3.62 -2.69 24.13
N ARG D 133 -2.80 -1.68 23.82
CA ARG D 133 -2.68 -1.23 22.44
C ARG D 133 -1.81 -2.18 21.63
N VAL D 134 -2.16 -2.36 20.36
CA VAL D 134 -1.40 -3.24 19.49
C VAL D 134 -0.13 -2.50 19.05
N ILE D 135 1.04 -3.02 19.43
CA ILE D 135 2.29 -2.39 19.02
C ILE D 135 2.92 -3.07 17.82
N GLY D 136 2.30 -4.11 17.28
CA GLY D 136 2.73 -4.66 16.01
C GLY D 136 2.12 -6.04 15.83
N LEU D 137 2.47 -6.65 14.69
CA LEU D 137 1.95 -7.95 14.31
C LEU D 137 3.09 -8.96 14.26
N TYR D 138 2.78 -10.17 14.69
CA TYR D 138 3.72 -11.28 14.77
C TYR D 138 3.74 -12.04 13.44
N GLY D 139 4.91 -12.50 13.02
CA GLY D 139 4.93 -13.46 11.95
C GLY D 139 5.96 -13.26 10.84
N ASN D 140 6.72 -12.18 10.88
CA ASN D 140 7.82 -11.97 9.95
C ASN D 140 9.12 -11.95 10.75
N GLY D 141 9.94 -12.96 10.60
CA GLY D 141 11.17 -13.06 11.35
C GLY D 141 12.19 -14.01 10.75
N VAL D 142 12.94 -14.69 11.64
CA VAL D 142 14.01 -15.60 11.24
C VAL D 142 13.96 -16.87 12.10
N VAL D 143 14.54 -17.95 11.56
CA VAL D 143 14.79 -19.18 12.30
C VAL D 143 16.26 -19.18 12.70
N ILE D 144 16.55 -19.51 13.96
CA ILE D 144 17.92 -19.41 14.43
C ILE D 144 18.56 -20.80 14.48
N LYS D 145 19.82 -20.87 14.91
CA LYS D 145 20.61 -22.08 14.76
C LYS D 145 19.99 -23.28 15.46
N ASN D 146 19.23 -23.05 16.54
CA ASN D 146 18.68 -24.16 17.30
C ASN D 146 17.31 -24.56 16.81
N GLY D 147 16.87 -23.98 15.69
CA GLY D 147 15.63 -24.37 15.05
C GLY D 147 14.42 -23.58 15.50
N SER D 148 14.55 -22.68 16.48
CA SER D 148 13.40 -21.91 16.92
C SER D 148 13.24 -20.68 16.06
N TYR D 149 12.22 -19.90 16.36
CA TYR D 149 11.79 -18.81 15.51
C TYR D 149 11.72 -17.53 16.32
N VAL D 150 12.28 -16.44 15.77
CA VAL D 150 12.18 -15.11 16.38
C VAL D 150 11.49 -14.20 15.37
N SER D 151 10.37 -13.60 15.81
CA SER D 151 9.57 -12.73 14.97
C SER D 151 9.86 -11.27 15.30
N ALA D 152 9.95 -10.43 14.27
CA ALA D 152 9.94 -9.00 14.48
C ALA D 152 8.60 -8.57 15.04
N ILE D 153 8.60 -7.47 15.79
CA ILE D 153 7.38 -6.74 16.08
C ILE D 153 7.17 -5.77 14.92
N THR D 154 6.36 -6.16 13.94
CA THR D 154 6.18 -5.40 12.71
C THR D 154 5.00 -4.44 12.85
N GLN D 155 5.26 -3.14 12.72
CA GLN D 155 4.24 -2.11 12.90
C GLN D 155 4.21 -1.21 11.68
N GLY D 156 3.01 -0.77 11.29
CA GLY D 156 2.85 0.18 10.21
C GLY D 156 2.92 1.60 10.73
N LYS D 157 2.57 2.53 9.87
CA LYS D 157 2.50 3.92 10.24
C LYS D 157 1.06 4.40 10.07
N ARG D 158 0.61 5.22 11.01
CA ARG D 158 -0.72 5.81 10.94
C ARG D 158 -0.67 7.09 10.14
N GLU D 159 -1.45 7.14 9.08
CA GLU D 159 -1.46 8.27 8.17
C GLU D 159 -1.85 9.55 8.91
N GLU D 160 -1.25 10.67 8.50
CA GLU D 160 -1.52 11.95 9.13
C GLU D 160 -3.01 12.28 9.13
N GLU D 161 -3.48 12.86 10.23
CA GLU D 161 -4.89 13.19 10.35
C GLU D 161 -5.10 14.67 10.62
N LYS E 2 10.71 -18.65 7.67
CA LYS E 2 10.82 -17.32 8.26
C LYS E 2 9.52 -16.53 8.21
N ARG E 4 5.89 -16.97 8.71
CA ARG E 4 4.94 -17.92 9.26
C ARG E 4 3.50 -17.69 8.77
#